data_5CI7
#
_entry.id   5CI7
#
_cell.length_a   66.860
_cell.length_b   66.860
_cell.length_c   116.610
_cell.angle_alpha   90.00
_cell.angle_beta   90.00
_cell.angle_gamma   90.00
#
_symmetry.space_group_name_H-M   'P 42 21 2'
#
loop_
_entity.id
_entity.type
_entity.pdbx_description
1 polymer 'Serine/threonine-protein kinase ULK1'
2 non-polymer N-[3-({4-[(3-aminopropyl)amino]-5-iodopyrimidin-2-yl}amino)phenyl]pyrrolidine-1-carboxamide
3 non-polymer GLYCEROL
4 water water
#
_entity_poly.entity_id   1
_entity_poly.type   'polypeptide(L)'
_entity_poly.pdbx_seq_one_letter_code
;GGGSMEPGRGGTETVGKFEFSRKDLIGHGAFAVVFKGRHRAAHDLEVAVKCINKKNLAKSQTLLGKEIKILKELKHENIV
ALYDFQEMANSVYLVMEYCNGGDLADYLHAMRTLSEDTIRLFLQQIAGAMRLLHSKGIIHRDLKPQNILLSNPAGRRANP
NSIRVKIADFGFARYLQSNMMAA(TPO)LCGSPMYMAPEVIMSQHYDGKADLWSIGTIVYQCLTGKAPFQASSPQDLRLF
YEKNKTLVPTIPRETSAPLRQLLLALLQRNHKDRMDFDEFFHHPFLDASPS
;
_entity_poly.pdbx_strand_id   A
#
# COMPACT_ATOMS: atom_id res chain seq x y z
N PRO A 7 26.84 -3.49 -12.68
CA PRO A 7 27.99 -2.58 -12.77
C PRO A 7 28.02 -1.90 -14.15
N GLY A 8 28.90 -2.33 -15.05
CA GLY A 8 28.96 -1.75 -16.38
C GLY A 8 28.07 -2.49 -17.36
N ARG A 9 27.46 -3.58 -16.91
CA ARG A 9 26.61 -4.38 -17.78
C ARG A 9 25.20 -3.82 -17.82
N GLY A 10 24.60 -3.83 -19.01
CA GLY A 10 23.26 -3.31 -19.18
C GLY A 10 23.21 -2.28 -20.29
N GLY A 11 22.33 -2.51 -21.24
CA GLY A 11 22.07 -1.55 -22.32
C GLY A 11 20.68 -1.04 -22.11
N THR A 12 20.21 -0.21 -23.03
CA THR A 12 18.92 0.43 -22.86
C THR A 12 17.78 -0.51 -23.23
N GLU A 13 16.79 -0.58 -22.34
CA GLU A 13 15.60 -1.39 -22.57
C GLU A 13 14.41 -0.49 -22.87
N THR A 14 13.50 -0.97 -23.70
CA THR A 14 12.34 -0.16 -24.10
C THR A 14 11.05 -0.92 -23.88
N VAL A 15 10.04 -0.21 -23.39
CA VAL A 15 8.68 -0.72 -23.32
C VAL A 15 7.76 0.35 -23.89
N GLY A 16 7.21 0.11 -25.07
CA GLY A 16 6.43 1.11 -25.76
C GLY A 16 7.23 2.39 -25.95
N LYS A 17 6.68 3.50 -25.48
CA LYS A 17 7.31 4.80 -25.65
C LYS A 17 8.24 5.16 -24.49
N PHE A 18 8.58 4.18 -23.67
CA PHE A 18 9.38 4.40 -22.47
C PHE A 18 10.68 3.60 -22.53
N GLU A 19 11.70 4.08 -21.84
CA GLU A 19 12.99 3.41 -21.78
C GLU A 19 13.52 3.38 -20.35
N PHE A 20 14.33 2.37 -20.04
CA PHE A 20 14.97 2.25 -18.73
C PHE A 20 16.20 1.37 -18.84
N SER A 21 16.98 1.32 -17.77
CA SER A 21 18.10 0.39 -17.69
C SER A 21 18.20 -0.14 -16.27
N ARG A 22 19.06 -1.11 -16.04
CA ARG A 22 19.19 -1.68 -14.71
C ARG A 22 20.07 -0.76 -13.86
N LYS A 23 20.43 0.38 -14.43
CA LYS A 23 21.26 1.39 -13.81
C LYS A 23 20.67 2.02 -12.54
N ASP A 24 19.38 2.32 -12.53
CA ASP A 24 18.83 3.06 -11.40
C ASP A 24 17.73 2.29 -10.68
N LEU A 25 18.15 1.37 -9.82
CA LEU A 25 17.24 0.57 -9.03
C LEU A 25 16.59 1.44 -7.95
N ILE A 26 15.25 1.49 -7.94
CA ILE A 26 14.56 2.25 -6.90
C ILE A 26 13.68 1.39 -6.00
N GLY A 27 13.61 0.09 -6.29
CA GLY A 27 12.85 -0.80 -5.43
C GLY A 27 13.30 -2.23 -5.65
N HIS A 28 13.41 -2.98 -4.58
CA HIS A 28 13.82 -4.38 -4.69
C HIS A 28 13.04 -5.23 -3.69
N GLY A 29 12.43 -6.30 -4.20
CA GLY A 29 11.70 -7.23 -3.36
C GLY A 29 11.84 -8.65 -3.89
N ALA A 30 11.38 -9.63 -3.13
CA ALA A 30 11.43 -11.02 -3.57
C ALA A 30 10.67 -11.22 -4.89
N PHE A 31 9.64 -10.41 -5.14
CA PHE A 31 8.74 -10.65 -6.28
C PHE A 31 8.72 -9.57 -7.34
N ALA A 32 9.58 -8.57 -7.22
CA ALA A 32 9.65 -7.49 -8.21
C ALA A 32 10.88 -6.63 -8.00
N VAL A 33 11.37 -6.07 -9.09
N VAL A 33 11.41 -6.09 -9.08
CA VAL A 33 12.43 -5.09 -9.08
CA VAL A 33 12.46 -5.08 -9.00
C VAL A 33 11.90 -3.88 -9.81
C VAL A 33 12.03 -3.89 -9.86
N VAL A 34 12.28 -2.69 -9.36
CA VAL A 34 11.78 -1.45 -9.97
C VAL A 34 12.92 -0.53 -10.32
N PHE A 35 12.93 -0.05 -11.56
CA PHE A 35 13.99 0.80 -12.07
C PHE A 35 13.41 2.13 -12.51
N LYS A 36 14.16 3.20 -12.28
CA LYS A 36 13.72 4.50 -12.77
C LYS A 36 13.96 4.54 -14.29
N GLY A 37 12.97 5.06 -15.02
CA GLY A 37 13.07 5.20 -16.45
C GLY A 37 12.51 6.55 -16.89
N ARG A 38 12.29 6.71 -18.20
CA ARG A 38 11.78 7.97 -18.73
C ARG A 38 11.08 7.76 -20.08
N HIS A 39 10.23 8.70 -20.45
CA HIS A 39 9.60 8.71 -21.77
C HIS A 39 10.70 8.96 -22.83
N ARG A 40 10.65 8.23 -23.94
CA ARG A 40 11.71 8.28 -24.95
C ARG A 40 11.75 9.62 -25.71
N ALA A 41 10.59 10.22 -25.91
CA ALA A 41 10.47 11.52 -26.55
C ALA A 41 10.50 12.71 -25.57
N ALA A 42 10.28 12.47 -24.28
CA ALA A 42 10.27 13.55 -23.28
C ALA A 42 11.01 13.08 -22.04
N HIS A 43 12.31 13.35 -21.99
CA HIS A 43 13.17 12.77 -20.97
C HIS A 43 12.81 13.23 -19.57
N ASP A 44 12.17 14.39 -19.48
CA ASP A 44 11.80 14.95 -18.17
C ASP A 44 10.59 14.26 -17.56
N LEU A 45 9.88 13.46 -18.35
CA LEU A 45 8.80 12.64 -17.82
C LEU A 45 9.36 11.33 -17.23
N GLU A 46 9.45 11.28 -15.91
CA GLU A 46 10.03 10.13 -15.24
C GLU A 46 8.98 9.07 -14.99
N VAL A 47 9.42 7.82 -15.01
CA VAL A 47 8.55 6.69 -14.71
C VAL A 47 9.28 5.70 -13.82
N ALA A 48 8.51 4.75 -13.28
CA ALA A 48 9.04 3.62 -12.53
C ALA A 48 8.67 2.36 -13.28
N VAL A 49 9.65 1.58 -13.70
CA VAL A 49 9.34 0.37 -14.44
C VAL A 49 9.51 -0.86 -13.53
N LYS A 50 8.42 -1.55 -13.24
CA LYS A 50 8.45 -2.74 -12.42
C LYS A 50 8.68 -3.95 -13.29
N CYS A 51 9.63 -4.79 -12.87
CA CYS A 51 10.06 -5.95 -13.64
C CYS A 51 10.04 -7.21 -12.79
N ILE A 52 10.05 -8.36 -13.46
N ILE A 52 9.97 -8.35 -13.45
CA ILE A 52 10.04 -9.66 -12.81
CA ILE A 52 10.06 -9.64 -12.80
C ILE A 52 11.35 -9.97 -12.08
C ILE A 52 11.35 -9.76 -11.99
N ASN A 53 11.25 -10.40 -10.82
CA ASN A 53 12.44 -10.88 -10.12
C ASN A 53 12.66 -12.33 -10.53
N LYS A 54 13.65 -12.58 -11.38
CA LYS A 54 13.83 -13.90 -11.95
C LYS A 54 14.25 -14.96 -10.93
N LYS A 55 14.57 -14.55 -9.71
CA LYS A 55 14.92 -15.51 -8.66
C LYS A 55 13.68 -16.18 -8.07
N ASN A 56 12.51 -15.56 -8.29
CA ASN A 56 11.21 -16.13 -7.95
C ASN A 56 10.27 -15.97 -9.15
N LEU A 57 10.68 -16.50 -10.29
CA LEU A 57 10.08 -16.18 -11.58
C LEU A 57 8.58 -16.43 -11.65
N ALA A 58 8.16 -17.64 -11.30
CA ALA A 58 6.75 -18.01 -11.41
C ALA A 58 5.87 -17.12 -10.54
N LYS A 59 6.24 -16.95 -9.28
CA LYS A 59 5.45 -16.14 -8.38
C LYS A 59 5.46 -14.68 -8.81
N SER A 60 6.63 -14.18 -9.22
CA SER A 60 6.76 -12.81 -9.68
C SER A 60 5.86 -12.55 -10.89
N GLN A 61 5.87 -13.48 -11.83
CA GLN A 61 5.07 -13.36 -13.04
C GLN A 61 3.57 -13.30 -12.69
N THR A 62 3.14 -14.13 -11.76
CA THR A 62 1.75 -14.13 -11.29
C THR A 62 1.36 -12.79 -10.69
N LEU A 63 2.15 -12.29 -9.76
CA LEU A 63 1.82 -11.05 -9.06
C LEU A 63 1.79 -9.81 -9.97
N LEU A 64 2.77 -9.71 -10.88
N LEU A 64 2.76 -9.71 -10.88
CA LEU A 64 2.82 -8.58 -11.80
CA LEU A 64 2.80 -8.58 -11.80
C LEU A 64 1.62 -8.65 -12.74
C LEU A 64 1.62 -8.65 -12.77
N GLY A 65 1.25 -9.85 -13.17
CA GLY A 65 0.09 -10.06 -14.02
C GLY A 65 -1.20 -9.64 -13.31
N LYS A 66 -1.33 -10.01 -12.05
CA LYS A 66 -2.48 -9.55 -11.26
C LYS A 66 -2.48 -8.04 -11.13
N GLU A 67 -1.31 -7.47 -10.87
CA GLU A 67 -1.24 -6.02 -10.71
C GLU A 67 -1.74 -5.31 -11.97
N ILE A 68 -1.42 -5.83 -13.16
CA ILE A 68 -1.90 -5.20 -14.40
C ILE A 68 -3.43 -5.28 -14.49
N LYS A 69 -3.96 -6.46 -14.18
CA LYS A 69 -5.40 -6.71 -14.26
C LYS A 69 -6.19 -5.73 -13.40
N ILE A 70 -5.65 -5.45 -12.22
CA ILE A 70 -6.31 -4.56 -11.26
C ILE A 70 -6.09 -3.08 -11.62
N LEU A 71 -4.83 -2.69 -11.81
CA LEU A 71 -4.50 -1.28 -12.05
C LEU A 71 -5.01 -0.74 -13.38
N LYS A 72 -5.12 -1.57 -14.41
CA LYS A 72 -5.59 -1.05 -15.69
C LYS A 72 -7.04 -0.61 -15.58
N GLU A 73 -7.70 -1.01 -14.49
CA GLU A 73 -9.10 -0.67 -14.28
C GLU A 73 -9.29 0.44 -13.25
N LEU A 74 -8.19 0.95 -12.72
CA LEU A 74 -8.24 2.00 -11.71
C LEU A 74 -7.54 3.27 -12.22
N LYS A 75 -8.24 4.39 -12.17
CA LYS A 75 -7.63 5.70 -12.42
C LYS A 75 -8.03 6.65 -11.30
N HIS A 76 -7.04 7.16 -10.56
CA HIS A 76 -7.28 8.02 -9.40
C HIS A 76 -5.96 8.68 -9.03
N GLU A 77 -6.00 9.91 -8.53
CA GLU A 77 -4.76 10.58 -8.17
C GLU A 77 -3.98 9.77 -7.11
N ASN A 78 -4.72 9.24 -6.14
CA ASN A 78 -4.14 8.56 -4.98
C ASN A 78 -3.87 7.05 -5.13
N ILE A 79 -3.83 6.59 -6.38
CA ILE A 79 -3.42 5.25 -6.76
C ILE A 79 -2.36 5.40 -7.85
N VAL A 80 -1.22 4.74 -7.70
CA VAL A 80 -0.14 4.90 -8.65
C VAL A 80 -0.66 4.62 -10.07
N ALA A 81 -0.38 5.54 -11.00
CA ALA A 81 -0.87 5.42 -12.36
C ALA A 81 -0.14 4.33 -13.13
N LEU A 82 -0.88 3.62 -13.98
CA LEU A 82 -0.27 2.70 -14.93
C LEU A 82 -0.28 3.31 -16.32
N TYR A 83 0.88 3.75 -16.80
CA TYR A 83 0.97 4.40 -18.10
C TYR A 83 0.89 3.39 -19.22
N ASP A 84 1.56 2.24 -19.05
CA ASP A 84 1.52 1.19 -20.07
C ASP A 84 2.09 -0.05 -19.41
N PHE A 85 2.05 -1.16 -20.13
CA PHE A 85 2.56 -2.41 -19.61
C PHE A 85 2.86 -3.33 -20.79
N GLN A 86 3.57 -4.42 -20.52
CA GLN A 86 3.92 -5.34 -21.58
C GLN A 86 3.98 -6.73 -20.97
N GLU A 87 2.97 -7.54 -21.28
CA GLU A 87 2.93 -8.90 -20.77
C GLU A 87 3.21 -9.87 -21.91
N MET A 88 4.15 -10.78 -21.67
CA MET A 88 4.54 -11.80 -22.64
C MET A 88 4.64 -13.14 -21.90
N ALA A 89 5.03 -14.19 -22.63
CA ALA A 89 5.04 -15.53 -22.06
C ALA A 89 6.05 -15.64 -20.92
N ASN A 90 7.19 -14.96 -21.06
CA ASN A 90 8.30 -15.13 -20.13
C ASN A 90 8.77 -13.85 -19.48
N SER A 91 8.06 -12.75 -19.72
CA SER A 91 8.41 -11.50 -19.07
C SER A 91 7.20 -10.62 -18.87
N VAL A 92 7.27 -9.74 -17.88
CA VAL A 92 6.20 -8.80 -17.61
C VAL A 92 6.80 -7.49 -17.13
N TYR A 93 6.37 -6.37 -17.71
CA TYR A 93 6.80 -5.04 -17.28
C TYR A 93 5.59 -4.14 -17.06
N LEU A 94 5.67 -3.31 -16.01
CA LEU A 94 4.66 -2.28 -15.79
C LEU A 94 5.35 -0.93 -15.79
N VAL A 95 4.82 0.02 -16.56
CA VAL A 95 5.34 1.38 -16.59
C VAL A 95 4.43 2.27 -15.76
N MET A 96 4.93 2.70 -14.62
CA MET A 96 4.07 3.35 -13.65
C MET A 96 4.56 4.76 -13.39
N GLU A 97 3.66 5.55 -12.80
CA GLU A 97 3.98 6.87 -12.31
C GLU A 97 5.19 6.86 -11.40
N TYR A 98 6.12 7.79 -11.62
CA TYR A 98 7.23 8.00 -10.70
C TYR A 98 6.77 8.95 -9.60
N CYS A 99 6.80 8.45 -8.37
CA CYS A 99 6.42 9.22 -7.20
C CYS A 99 7.70 9.80 -6.59
N ASN A 100 7.84 11.11 -6.66
CA ASN A 100 9.13 11.75 -6.38
C ASN A 100 9.45 12.01 -4.90
N GLY A 101 8.66 11.45 -3.99
CA GLY A 101 8.83 11.66 -2.56
C GLY A 101 9.25 10.42 -1.80
N GLY A 102 9.49 9.30 -2.48
CA GLY A 102 9.78 8.05 -1.78
C GLY A 102 8.57 7.42 -1.08
N ASP A 103 8.81 6.63 -0.03
CA ASP A 103 7.70 5.94 0.63
CA ASP A 103 7.70 5.94 0.64
C ASP A 103 7.38 6.49 2.01
N LEU A 104 6.16 6.21 2.47
CA LEU A 104 5.66 6.72 3.73
C LEU A 104 6.41 6.12 4.92
N ALA A 105 6.89 4.89 4.80
CA ALA A 105 7.65 4.27 5.89
C ALA A 105 8.92 5.06 6.19
N ASP A 106 9.71 5.38 5.17
CA ASP A 106 10.91 6.20 5.38
C ASP A 106 10.55 7.59 5.90
N TYR A 107 9.50 8.21 5.35
CA TYR A 107 9.13 9.58 5.73
C TYR A 107 8.66 9.70 7.17
N LEU A 108 7.81 8.78 7.63
CA LEU A 108 7.33 8.88 8.99
C LEU A 108 8.48 8.71 9.97
N HIS A 109 9.47 7.90 9.60
CA HIS A 109 10.65 7.70 10.45
C HIS A 109 11.58 8.94 10.42
N ALA A 110 11.89 9.44 9.23
CA ALA A 110 12.76 10.61 9.11
C ALA A 110 12.19 11.85 9.82
N MET A 111 10.87 11.96 9.88
CA MET A 111 10.20 13.08 10.54
C MET A 111 10.06 12.89 12.05
N ARG A 112 10.46 11.73 12.56
CA ARG A 112 10.23 11.40 13.98
C ARG A 112 8.73 11.37 14.32
N THR A 113 7.99 10.64 13.48
CA THR A 113 6.52 10.53 13.50
C THR A 113 5.85 11.81 12.96
N LEU A 114 4.56 11.72 12.64
CA LEU A 114 3.89 12.78 11.90
C LEU A 114 2.88 13.48 12.78
N SER A 115 2.67 14.77 12.54
CA SER A 115 1.67 15.54 13.27
C SER A 115 0.28 15.07 12.92
N GLU A 116 -0.70 15.40 13.75
CA GLU A 116 -2.07 14.98 13.43
C GLU A 116 -2.57 15.65 12.14
N ASP A 117 -2.12 16.87 11.87
CA ASP A 117 -2.57 17.58 10.68
C ASP A 117 -2.03 16.89 9.44
N THR A 118 -0.80 16.41 9.51
CA THR A 118 -0.22 15.69 8.38
C THR A 118 -0.92 14.34 8.20
N ILE A 119 -1.13 13.64 9.30
CA ILE A 119 -1.90 12.40 9.25
C ILE A 119 -3.27 12.62 8.58
N ARG A 120 -3.98 13.69 8.95
CA ARG A 120 -5.29 13.94 8.35
C ARG A 120 -5.17 14.15 6.84
N LEU A 121 -4.20 14.97 6.43
CA LEU A 121 -3.97 15.27 5.03
C LEU A 121 -3.75 13.98 4.22
N PHE A 122 -2.92 13.09 4.74
CA PHE A 122 -2.63 11.84 4.04
C PHE A 122 -3.82 10.88 4.09
N LEU A 123 -4.50 10.79 5.23
CA LEU A 123 -5.61 9.87 5.38
C LEU A 123 -6.83 10.27 4.54
N GLN A 124 -7.06 11.57 4.36
CA GLN A 124 -8.10 12.06 3.46
C GLN A 124 -7.88 11.51 2.05
N GLN A 125 -6.62 11.49 1.65
CA GLN A 125 -6.26 11.04 0.32
C GLN A 125 -6.40 9.53 0.21
N ILE A 126 -5.88 8.81 1.19
CA ILE A 126 -6.04 7.36 1.24
C ILE A 126 -7.53 6.99 1.22
N ALA A 127 -8.35 7.76 1.93
CA ALA A 127 -9.79 7.49 1.98
C ALA A 127 -10.43 7.63 0.59
N GLY A 128 -10.01 8.64 -0.17
CA GLY A 128 -10.49 8.80 -1.53
C GLY A 128 -10.17 7.61 -2.43
N ALA A 129 -8.94 7.13 -2.37
CA ALA A 129 -8.58 5.93 -3.13
C ALA A 129 -9.40 4.72 -2.68
N MET A 130 -9.59 4.56 -1.37
CA MET A 130 -10.36 3.41 -0.88
C MET A 130 -11.84 3.47 -1.26
N ARG A 131 -12.36 4.68 -1.44
CA ARG A 131 -13.73 4.80 -1.92
C ARG A 131 -13.83 4.19 -3.31
N LEU A 132 -12.82 4.42 -4.13
CA LEU A 132 -12.82 3.85 -5.48
C LEU A 132 -12.65 2.33 -5.43
N LEU A 133 -11.69 1.84 -4.66
N LEU A 133 -11.71 1.84 -4.64
CA LEU A 133 -11.50 0.40 -4.51
CA LEU A 133 -11.52 0.38 -4.54
C LEU A 133 -12.82 -0.24 -4.10
C LEU A 133 -12.78 -0.31 -4.04
N HIS A 134 -13.42 0.28 -3.05
CA HIS A 134 -14.63 -0.31 -2.47
C HIS A 134 -15.75 -0.33 -3.49
N SER A 135 -15.94 0.77 -4.21
CA SER A 135 -17.01 0.80 -5.21
C SER A 135 -16.71 -0.14 -6.37
N LYS A 136 -15.44 -0.40 -6.65
CA LYS A 136 -15.06 -1.29 -7.75
C LYS A 136 -15.04 -2.76 -7.30
N GLY A 137 -15.15 -2.99 -6.00
CA GLY A 137 -15.19 -4.34 -5.47
C GLY A 137 -13.80 -4.96 -5.38
N ILE A 138 -12.80 -4.11 -5.12
CA ILE A 138 -11.40 -4.54 -5.03
C ILE A 138 -10.86 -4.43 -3.60
N ILE A 139 -10.18 -5.48 -3.16
CA ILE A 139 -9.47 -5.45 -1.88
C ILE A 139 -7.96 -5.54 -2.15
N HIS A 140 -7.19 -4.70 -1.45
CA HIS A 140 -5.75 -4.56 -1.73
C HIS A 140 -4.90 -5.66 -1.06
N ARG A 141 -5.12 -5.83 0.24
CA ARG A 141 -4.56 -6.94 1.03
C ARG A 141 -3.11 -6.80 1.46
N ASP A 142 -2.38 -5.84 0.89
CA ASP A 142 -1.07 -5.52 1.42
C ASP A 142 -0.80 -4.04 1.71
N LEU A 143 -1.76 -3.36 2.34
CA LEU A 143 -1.59 -1.96 2.70
C LEU A 143 -0.64 -1.82 3.89
N LYS A 144 0.39 -1.00 3.72
CA LYS A 144 1.38 -0.71 4.77
C LYS A 144 2.15 0.53 4.34
N PRO A 145 2.83 1.21 5.28
CA PRO A 145 3.48 2.46 4.91
C PRO A 145 4.47 2.31 3.75
N GLN A 146 5.09 1.13 3.65
CA GLN A 146 6.04 0.86 2.59
C GLN A 146 5.40 0.90 1.18
N ASN A 147 4.07 0.72 1.14
CA ASN A 147 3.33 0.71 -0.12
C ASN A 147 2.45 1.95 -0.29
N ILE A 148 2.69 2.98 0.52
CA ILE A 148 2.08 4.30 0.29
C ILE A 148 3.24 5.19 -0.17
N LEU A 149 3.17 5.69 -1.39
CA LEU A 149 4.24 6.53 -1.94
C LEU A 149 3.86 8.01 -1.91
N LEU A 150 4.89 8.86 -1.83
CA LEU A 150 4.69 10.30 -1.76
C LEU A 150 5.09 10.94 -3.07
N SER A 151 4.43 12.04 -3.42
CA SER A 151 4.86 12.82 -4.58
C SER A 151 4.45 14.27 -4.38
N ASN A 152 5.36 15.20 -4.64
CA ASN A 152 5.03 16.61 -4.52
C ASN A 152 5.11 17.28 -5.88
N PRO A 153 3.98 17.83 -6.35
CA PRO A 153 3.92 18.42 -7.68
C PRO A 153 4.66 19.76 -7.78
N ALA A 154 4.95 20.37 -6.64
CA ALA A 154 5.57 21.68 -6.62
C ALA A 154 7.09 21.59 -6.72
N GLY A 155 7.76 22.74 -6.76
CA GLY A 155 9.18 22.73 -7.08
C GLY A 155 10.05 22.15 -5.98
N ARG A 156 11.34 22.42 -6.10
CA ARG A 156 12.30 22.09 -5.08
C ARG A 156 11.96 22.86 -3.82
N ARG A 157 12.14 22.22 -2.67
CA ARG A 157 11.93 22.85 -1.38
C ARG A 157 10.46 23.28 -1.18
N ALA A 158 9.54 22.69 -1.93
CA ALA A 158 8.14 23.06 -1.81
C ALA A 158 7.59 22.75 -0.41
N ASN A 159 6.48 23.39 -0.07
CA ASN A 159 5.82 23.21 1.21
C ASN A 159 5.28 21.78 1.41
N PRO A 160 5.33 21.27 2.64
CA PRO A 160 4.84 19.92 2.96
C PRO A 160 3.35 19.76 2.73
N ASN A 161 2.60 20.85 2.84
CA ASN A 161 1.16 20.84 2.62
C ASN A 161 0.78 20.39 1.21
N SER A 162 1.77 20.30 0.32
CA SER A 162 1.49 19.95 -1.07
C SER A 162 1.77 18.49 -1.38
N ILE A 163 2.16 17.73 -0.37
CA ILE A 163 2.48 16.32 -0.59
C ILE A 163 1.23 15.49 -0.92
N ARG A 164 1.30 14.74 -2.02
CA ARG A 164 0.22 13.85 -2.44
C ARG A 164 0.65 12.40 -2.26
N VAL A 165 -0.25 11.54 -1.81
CA VAL A 165 0.13 10.15 -1.56
C VAL A 165 -0.55 9.22 -2.56
N LYS A 166 0.08 8.08 -2.83
CA LYS A 166 -0.45 7.12 -3.81
C LYS A 166 -0.29 5.73 -3.26
N ILE A 167 -1.36 4.96 -3.31
CA ILE A 167 -1.30 3.56 -2.94
C ILE A 167 -0.66 2.79 -4.08
N ALA A 168 0.29 1.93 -3.74
CA ALA A 168 1.02 1.18 -4.73
C ALA A 168 0.99 -0.33 -4.41
N ASP A 169 1.64 -1.08 -5.29
CA ASP A 169 1.90 -2.52 -5.10
C ASP A 169 0.63 -3.36 -4.90
N PHE A 170 -0.14 -3.47 -5.97
CA PHE A 170 -1.41 -4.17 -5.97
C PHE A 170 -1.31 -5.65 -6.36
N GLY A 171 -0.11 -6.24 -6.26
CA GLY A 171 0.08 -7.59 -6.75
C GLY A 171 -0.72 -8.63 -5.98
N PHE A 172 -1.03 -8.35 -4.71
CA PHE A 172 -1.85 -9.27 -3.93
C PHE A 172 -3.36 -8.91 -3.95
N ALA A 173 -3.74 -7.89 -4.71
CA ALA A 173 -5.14 -7.45 -4.75
C ALA A 173 -6.03 -8.43 -5.49
N ARG A 174 -7.32 -8.38 -5.22
CA ARG A 174 -8.27 -9.18 -5.97
C ARG A 174 -9.64 -8.51 -6.02
N TYR A 175 -10.42 -8.86 -7.03
CA TYR A 175 -11.83 -8.55 -7.00
C TYR A 175 -12.46 -9.52 -6.02
N LEU A 176 -13.33 -9.01 -5.17
CA LEU A 176 -14.13 -9.87 -4.29
C LEU A 176 -15.61 -9.53 -4.44
N GLN A 177 -16.38 -10.49 -4.93
CA GLN A 177 -17.80 -10.27 -5.15
C GLN A 177 -18.46 -9.99 -3.79
N SER A 178 -19.44 -9.09 -3.77
CA SER A 178 -19.91 -8.54 -2.50
C SER A 178 -20.62 -9.56 -1.62
N ASN A 179 -21.11 -10.65 -2.19
CA ASN A 179 -21.71 -11.73 -1.40
C ASN A 179 -20.75 -12.88 -1.08
N MET A 180 -19.45 -12.66 -1.31
N MET A 180 -19.45 -12.66 -1.31
CA MET A 180 -18.45 -13.69 -1.06
CA MET A 180 -18.44 -13.69 -1.07
C MET A 180 -17.41 -13.23 -0.04
C MET A 180 -17.40 -13.22 -0.06
N MET A 181 -16.63 -14.19 0.44
N MET A 181 -16.63 -14.17 0.47
CA MET A 181 -15.50 -13.90 1.31
CA MET A 181 -15.50 -13.85 1.33
C MET A 181 -14.21 -14.43 0.72
C MET A 181 -14.21 -14.48 0.82
N ALA A 182 -13.10 -13.78 1.06
CA ALA A 182 -11.77 -14.22 0.63
C ALA A 182 -11.14 -15.08 1.71
N ALA A 183 -10.21 -15.92 1.31
CA ALA A 183 -9.53 -16.77 2.29
C ALA A 183 -8.06 -17.05 1.98
N LEU A 185 -4.41 -16.73 2.39
CA LEU A 185 -3.49 -16.13 3.36
C LEU A 185 -2.34 -15.41 2.68
N CYS A 186 -2.42 -14.09 2.63
CA CYS A 186 -1.38 -13.27 2.04
C CYS A 186 -1.36 -11.90 2.74
N GLY A 187 -0.30 -11.14 2.48
CA GLY A 187 -0.12 -9.84 3.10
C GLY A 187 1.17 -9.81 3.89
N SER A 188 1.28 -8.86 4.79
CA SER A 188 2.48 -8.68 5.61
C SER A 188 2.08 -8.81 7.07
N PRO A 189 2.70 -9.74 7.82
CA PRO A 189 2.18 -10.13 9.13
C PRO A 189 1.92 -8.99 10.13
N MET A 190 2.76 -7.97 10.17
CA MET A 190 2.56 -6.89 11.14
C MET A 190 1.42 -5.93 10.79
N TYR A 191 0.90 -6.03 9.56
CA TYR A 191 -0.13 -5.13 9.05
C TYR A 191 -1.43 -5.85 8.72
N MET A 192 -1.40 -7.17 8.83
CA MET A 192 -2.53 -8.06 8.49
C MET A 192 -3.61 -8.07 9.54
N ALA A 193 -4.87 -8.07 9.12
CA ALA A 193 -5.98 -8.19 10.07
C ALA A 193 -5.90 -9.53 10.80
N PRO A 194 -6.37 -9.56 12.05
CA PRO A 194 -6.30 -10.81 12.80
C PRO A 194 -7.01 -11.98 12.10
N GLU A 195 -8.17 -11.73 11.50
CA GLU A 195 -8.89 -12.79 10.79
C GLU A 195 -8.10 -13.38 9.62
N VAL A 196 -7.28 -12.57 8.96
CA VAL A 196 -6.42 -13.06 7.89
C VAL A 196 -5.34 -13.98 8.43
N ILE A 197 -4.58 -13.52 9.42
CA ILE A 197 -3.45 -14.31 9.91
C ILE A 197 -3.92 -15.55 10.67
N MET A 198 -5.15 -15.52 11.19
CA MET A 198 -5.74 -16.67 11.87
C MET A 198 -6.42 -17.64 10.91
N SER A 199 -6.25 -17.42 9.62
CA SER A 199 -6.71 -18.37 8.59
C SER A 199 -8.22 -18.43 8.41
N GLN A 200 -8.89 -17.32 8.69
CA GLN A 200 -10.33 -17.29 8.56
C GLN A 200 -10.71 -16.59 7.27
N HIS A 201 -12.00 -16.63 6.94
CA HIS A 201 -12.49 -15.85 5.82
C HIS A 201 -12.53 -14.38 6.20
N TYR A 202 -12.41 -13.53 5.20
CA TYR A 202 -12.35 -12.10 5.45
C TYR A 202 -12.91 -11.34 4.24
N ASP A 203 -13.10 -10.04 4.42
CA ASP A 203 -13.56 -9.20 3.32
C ASP A 203 -12.81 -7.86 3.33
N GLY A 204 -13.43 -6.82 2.78
CA GLY A 204 -12.79 -5.52 2.69
C GLY A 204 -12.41 -4.92 4.02
N LYS A 205 -13.05 -5.35 5.09
CA LYS A 205 -12.71 -4.84 6.42
C LYS A 205 -11.28 -5.19 6.86
N ALA A 206 -10.68 -6.17 6.20
CA ALA A 206 -9.28 -6.47 6.47
C ALA A 206 -8.37 -5.30 6.08
N ASP A 207 -8.70 -4.63 4.98
CA ASP A 207 -7.93 -3.46 4.54
C ASP A 207 -8.05 -2.32 5.55
N LEU A 208 -9.22 -2.18 6.17
CA LEU A 208 -9.45 -1.14 7.16
C LEU A 208 -8.58 -1.36 8.40
N TRP A 209 -8.39 -2.60 8.81
CA TRP A 209 -7.42 -2.87 9.86
C TRP A 209 -6.04 -2.36 9.46
N SER A 210 -5.60 -2.74 8.26
CA SER A 210 -4.28 -2.33 7.79
C SER A 210 -4.14 -0.81 7.78
N ILE A 211 -5.19 -0.11 7.37
CA ILE A 211 -5.17 1.35 7.38
C ILE A 211 -5.00 1.85 8.83
N GLY A 212 -5.72 1.23 9.76
CA GLY A 212 -5.51 1.53 11.17
C GLY A 212 -4.06 1.39 11.60
N THR A 213 -3.40 0.32 11.14
CA THR A 213 -2.00 0.10 11.50
C THR A 213 -1.11 1.17 10.87
N ILE A 214 -1.44 1.63 9.67
CA ILE A 214 -0.69 2.72 9.01
C ILE A 214 -0.76 4.00 9.84
N VAL A 215 -1.97 4.39 10.22
CA VAL A 215 -2.18 5.57 11.04
C VAL A 215 -1.41 5.43 12.35
N TYR A 216 -1.51 4.27 12.97
CA TYR A 216 -0.80 4.03 14.23
C TYR A 216 0.71 4.21 14.05
N GLN A 217 1.25 3.69 12.95
CA GLN A 217 2.69 3.80 12.79
C GLN A 217 3.09 5.25 12.48
N CYS A 218 2.26 5.98 11.75
CA CYS A 218 2.56 7.39 11.49
C CYS A 218 2.65 8.19 12.78
N LEU A 219 1.87 7.77 13.75
CA LEU A 219 1.75 8.46 15.02
C LEU A 219 2.88 8.12 15.99
N THR A 220 3.32 6.86 15.97
CA THR A 220 4.23 6.35 17.00
C THR A 220 5.58 5.87 16.48
N GLY A 221 5.67 5.58 15.19
CA GLY A 221 6.87 5.02 14.60
C GLY A 221 6.92 3.50 14.65
N LYS A 222 5.91 2.88 15.24
CA LYS A 222 5.90 1.44 15.45
C LYS A 222 4.59 0.80 15.03
N ALA A 223 4.62 -0.52 14.81
CA ALA A 223 3.41 -1.29 14.59
C ALA A 223 2.73 -1.48 15.94
N PRO A 224 1.40 -1.59 15.95
CA PRO A 224 0.62 -1.55 17.21
C PRO A 224 0.76 -2.79 18.08
N PHE A 225 1.02 -3.94 17.47
CA PHE A 225 1.14 -5.16 18.25
C PHE A 225 2.45 -5.85 17.93
N GLN A 226 3.37 -5.77 18.88
CA GLN A 226 4.70 -6.32 18.72
C GLN A 226 4.71 -7.74 19.27
N ALA A 227 5.21 -8.66 18.44
CA ALA A 227 5.39 -10.03 18.87
C ALA A 227 6.77 -10.45 18.39
N SER A 228 7.27 -11.56 18.91
CA SER A 228 8.62 -12.00 18.60
C SER A 228 8.71 -12.69 17.25
N SER A 229 7.55 -13.04 16.69
CA SER A 229 7.52 -13.78 15.43
C SER A 229 6.10 -13.78 14.88
N PRO A 230 5.93 -14.08 13.59
CA PRO A 230 4.57 -14.14 13.04
C PRO A 230 3.74 -15.22 13.73
N GLN A 231 4.36 -16.33 14.09
CA GLN A 231 3.64 -17.38 14.80
C GLN A 231 3.17 -16.88 16.16
N ASP A 232 4.03 -16.15 16.86
CA ASP A 232 3.69 -15.61 18.18
CA ASP A 232 3.69 -15.61 18.17
C ASP A 232 2.60 -14.54 18.07
N LEU A 233 2.61 -13.81 16.96
CA LEU A 233 1.60 -12.77 16.73
C LEU A 233 0.22 -13.39 16.47
N ARG A 234 0.18 -14.47 15.71
CA ARG A 234 -1.06 -15.23 15.49
C ARG A 234 -1.60 -15.78 16.82
N LEU A 235 -0.71 -16.38 17.62
CA LEU A 235 -1.08 -16.88 18.94
C LEU A 235 -1.61 -15.75 19.83
N PHE A 236 -0.98 -14.59 19.73
CA PHE A 236 -1.41 -13.42 20.49
C PHE A 236 -2.85 -13.03 20.17
N TYR A 237 -3.17 -12.91 18.87
CA TYR A 237 -4.53 -12.59 18.47
C TYR A 237 -5.51 -13.70 18.90
N GLU A 238 -5.08 -14.96 18.76
CA GLU A 238 -5.93 -16.09 19.08
C GLU A 238 -6.26 -16.16 20.58
N LYS A 239 -5.33 -15.72 21.42
CA LYS A 239 -5.49 -15.82 22.87
C LYS A 239 -6.16 -14.59 23.52
N ASN A 240 -6.13 -13.44 22.84
CA ASN A 240 -6.67 -12.21 23.41
C ASN A 240 -7.84 -11.66 22.61
N LYS A 241 -9.04 -11.85 23.12
CA LYS A 241 -10.23 -11.39 22.41
C LYS A 241 -10.34 -9.88 22.49
N THR A 242 -9.63 -9.27 23.43
CA THR A 242 -9.63 -7.82 23.57
C THR A 242 -8.24 -7.24 23.27
N LEU A 243 -8.14 -6.55 22.14
CA LEU A 243 -6.86 -5.97 21.71
C LEU A 243 -6.92 -4.46 21.81
N VAL A 244 -6.03 -3.88 22.60
CA VAL A 244 -5.93 -2.43 22.67
C VAL A 244 -4.48 -1.97 22.61
N PRO A 245 -4.12 -1.26 21.54
CA PRO A 245 -2.76 -0.80 21.30
C PRO A 245 -2.39 0.38 22.21
N THR A 246 -1.10 0.54 22.47
CA THR A 246 -0.63 1.63 23.31
C THR A 246 -0.57 2.93 22.49
N ILE A 247 -1.56 3.78 22.70
CA ILE A 247 -1.64 5.07 21.99
C ILE A 247 -1.15 6.19 22.91
N PRO A 248 -0.29 7.10 22.39
CA PRO A 248 0.26 8.17 23.24
C PRO A 248 -0.85 8.98 23.91
N ARG A 249 -0.65 9.37 25.15
CA ARG A 249 -1.74 9.93 25.91
C ARG A 249 -2.19 11.29 25.38
N GLU A 250 -1.31 12.01 24.70
CA GLU A 250 -1.63 13.33 24.18
C GLU A 250 -2.42 13.30 22.86
N THR A 251 -2.62 12.12 22.30
CA THR A 251 -3.35 11.97 21.04
C THR A 251 -4.76 12.54 21.21
N SER A 252 -5.27 13.22 20.18
CA SER A 252 -6.59 13.84 20.30
C SER A 252 -7.67 12.76 20.40
N ALA A 253 -8.75 13.04 21.11
CA ALA A 253 -9.80 12.02 21.28
C ALA A 253 -10.35 11.54 19.94
N PRO A 254 -10.59 12.46 18.98
CA PRO A 254 -11.14 11.97 17.70
C PRO A 254 -10.19 11.05 16.94
N LEU A 255 -8.89 11.31 16.99
CA LEU A 255 -7.95 10.40 16.32
C LEU A 255 -7.85 9.07 17.08
N ARG A 256 -7.77 9.14 18.41
CA ARG A 256 -7.78 7.90 19.20
C ARG A 256 -9.02 7.07 18.91
N GLN A 257 -10.17 7.71 18.77
CA GLN A 257 -11.41 6.96 18.52
C GLN A 257 -11.34 6.27 17.16
N LEU A 258 -10.87 6.99 16.16
CA LEU A 258 -10.71 6.43 14.81
C LEU A 258 -9.77 5.22 14.83
N LEU A 259 -8.65 5.35 15.52
CA LEU A 259 -7.68 4.26 15.63
C LEU A 259 -8.29 3.04 16.30
N LEU A 260 -8.98 3.23 17.41
CA LEU A 260 -9.57 2.10 18.12
C LEU A 260 -10.70 1.46 17.31
N ALA A 261 -11.43 2.25 16.52
CA ALA A 261 -12.50 1.70 15.70
C ALA A 261 -11.95 0.85 14.54
N LEU A 262 -10.82 1.27 13.99
CA LEU A 262 -10.19 0.53 12.90
C LEU A 262 -9.47 -0.71 13.45
N LEU A 263 -8.90 -0.59 14.62
CA LEU A 263 -8.12 -1.70 15.19
C LEU A 263 -9.01 -2.54 16.12
N GLN A 264 -10.21 -2.86 15.68
CA GLN A 264 -11.04 -3.81 16.41
C GLN A 264 -10.67 -5.22 15.98
N ARG A 265 -10.44 -6.10 16.97
CA ARG A 265 -10.05 -7.47 16.68
C ARG A 265 -11.10 -8.18 15.85
N ASN A 266 -12.35 -8.07 16.29
CA ASN A 266 -13.45 -8.75 15.62
C ASN A 266 -13.97 -7.94 14.43
N HIS A 267 -13.96 -8.54 13.24
CA HIS A 267 -14.28 -7.76 12.06
C HIS A 267 -15.72 -7.26 12.10
N LYS A 268 -16.61 -7.99 12.77
CA LYS A 268 -17.99 -7.52 12.97
C LYS A 268 -18.05 -6.17 13.72
N ASP A 269 -17.20 -5.97 14.70
CA ASP A 269 -17.18 -4.74 15.50
C ASP A 269 -16.44 -3.60 14.80
N ARG A 270 -15.56 -3.94 13.88
CA ARG A 270 -14.67 -2.97 13.27
C ARG A 270 -15.42 -1.96 12.41
N MET A 271 -14.87 -0.76 12.34
CA MET A 271 -15.42 0.32 11.53
C MET A 271 -15.68 -0.19 10.12
N ASP A 272 -16.82 0.18 9.54
CA ASP A 272 -17.05 -0.17 8.13
C ASP A 272 -16.71 1.01 7.22
N PHE A 273 -16.80 0.80 5.92
CA PHE A 273 -16.30 1.78 4.96
C PHE A 273 -17.02 3.11 5.06
N ASP A 274 -18.34 3.07 5.10
CA ASP A 274 -19.14 4.27 5.23
C ASP A 274 -18.72 5.11 6.46
N GLU A 275 -18.52 4.42 7.58
CA GLU A 275 -18.13 5.06 8.82
C GLU A 275 -16.74 5.70 8.69
N PHE A 276 -15.86 5.01 8.00
CA PHE A 276 -14.50 5.50 7.75
C PHE A 276 -14.51 6.77 6.89
N PHE A 277 -15.18 6.68 5.73
CA PHE A 277 -15.24 7.79 4.79
C PHE A 277 -15.82 9.04 5.43
N HIS A 278 -16.70 8.86 6.41
CA HIS A 278 -17.40 10.01 6.98
C HIS A 278 -16.96 10.35 8.40
N HIS A 279 -15.84 9.77 8.85
CA HIS A 279 -15.36 10.03 10.20
C HIS A 279 -14.91 11.48 10.34
N PRO A 280 -15.27 12.14 11.45
CA PRO A 280 -15.02 13.58 11.56
C PRO A 280 -13.54 13.95 11.60
N PHE A 281 -12.65 13.07 12.02
CA PHE A 281 -11.23 13.36 11.92
C PHE A 281 -10.82 13.75 10.49
N LEU A 282 -11.52 13.21 9.49
CA LEU A 282 -11.20 13.53 8.11
C LEU A 282 -11.80 14.85 7.66
N ASP A 283 -12.48 15.55 8.57
CA ASP A 283 -13.11 16.83 8.25
C ASP A 283 -12.61 17.96 9.16
#